data_2WDF
#
_entry.id   2WDF
#
_cell.length_a   70.363
_cell.length_b   86.710
_cell.length_c   95.133
_cell.angle_alpha   90.00
_cell.angle_beta   90.00
_cell.angle_gamma   90.00
#
_symmetry.space_group_name_H-M   'P 21 21 21'
#
loop_
_entity.id
_entity.type
_entity.pdbx_description
1 polymer 'SULFUR OXIDATION PROTEIN SOXB'
2 non-polymer 'TERTIARY-BUTYL ALCOHOL'
3 non-polymer 'MANGANESE (II) ION'
4 water water
#
_entity_poly.entity_id   1
_entity_poly.type   'polypeptide(L)'
_entity_poly.pdbx_seq_one_letter_code
;MASWSHPQFEKGALEDPRSLYDLPPYGDATLLYFSDLHGQAFPHYFMEPPNLIAPKPLMGRPGYLTGEAILRYYGVERGT
PLAYLLSYVDFVELARTFGPIGGMGALTALIRDQKARVEAEGGKALVLDGGDTWTNSGLSLLTRGEAVVRWQNLVGVDHM
VSHWEWTLGRERVEELLGLFRGEFLSYNIVDDLFGDPLFPAYRIHRVGPYALAVVGASYPYVKVSHPESFTEGLSFALDE
RRLQEAVDKARAEGANAVVLLSHNGMQLDAALAERIRGIDLILSGHTHDLTPRPWRVGKTWIVAGSAAGKALMRVDLKLW
KGGIANLRVRVLPVLAEHLPKAEDVEAFLKAQLAPHQDHLFTPLAVSETLLYKRDTLYSTWDQLVGEAVKAIYPEVEVVF
SPAVRWGTTILPGQAITWDHLYAYTGFTYPELYLFYLRGAQIKAVLEDIASNVFTSDPFYQQGGDVSRVFGLRYVLDPDA
PTGERVREVEVGGRPLDPNRRYLAAAYGGRLQRVGEAKPGYEPRPIYEVLAEYLRSVGRVRVRPEPNVKVIGRNYRLPEV
TG
;
_entity_poly.pdbx_strand_id   A
#
loop_
_chem_comp.id
_chem_comp.type
_chem_comp.name
_chem_comp.formula
MN non-polymer 'MANGANESE (II) ION' 'Mn 2'
TBU non-polymer 'TERTIARY-BUTYL ALCOHOL' 'C4 H10 O'
#
# COMPACT_ATOMS: atom_id res chain seq x y z
N SER A 19 1.10 -13.10 -25.45
CA SER A 19 0.11 -12.07 -25.10
C SER A 19 -0.39 -12.28 -23.67
N LEU A 20 -0.06 -11.34 -22.80
CA LEU A 20 -0.47 -11.41 -21.40
C LEU A 20 -1.98 -11.25 -21.19
N TYR A 21 -2.61 -10.44 -22.04
CA TYR A 21 -4.04 -10.15 -21.92
C TYR A 21 -4.97 -11.11 -22.65
N ASP A 22 -4.40 -11.89 -23.57
CA ASP A 22 -5.19 -12.82 -24.36
C ASP A 22 -5.27 -14.17 -23.66
N LEU A 23 -6.35 -14.39 -22.91
CA LEU A 23 -6.50 -15.64 -22.16
C LEU A 23 -7.78 -16.37 -22.55
N PRO A 24 -7.69 -17.70 -22.71
CA PRO A 24 -8.84 -18.57 -23.04
C PRO A 24 -9.81 -18.62 -21.86
N PRO A 25 -11.07 -18.97 -22.13
CA PRO A 25 -12.05 -19.01 -21.04
C PRO A 25 -11.67 -20.05 -19.98
N TYR A 26 -12.18 -19.84 -18.77
CA TYR A 26 -11.92 -20.74 -17.63
C TYR A 26 -12.87 -20.43 -16.46
N GLY A 27 -13.58 -21.45 -15.99
CA GLY A 27 -14.42 -21.31 -14.83
C GLY A 27 -15.80 -20.71 -15.00
N ASP A 28 -16.53 -20.66 -13.89
CA ASP A 28 -17.89 -20.13 -13.84
C ASP A 28 -17.92 -18.64 -13.56
N ALA A 29 -16.90 -18.15 -12.87
CA ALA A 29 -16.85 -16.76 -12.47
C ALA A 29 -15.43 -16.20 -12.57
N THR A 30 -15.34 -14.92 -12.86
CA THR A 30 -14.06 -14.26 -12.93
C THR A 30 -14.05 -13.05 -12.03
N LEU A 31 -13.02 -12.94 -11.19
CA LEU A 31 -12.87 -11.77 -10.35
C LEU A 31 -11.76 -10.91 -10.93
N LEU A 32 -12.07 -9.64 -11.17
CA LEU A 32 -11.10 -8.66 -11.70
C LEU A 32 -10.78 -7.78 -10.50
N TYR A 33 -9.60 -7.99 -9.95
CA TYR A 33 -9.26 -7.41 -8.67
C TYR A 33 -8.03 -6.52 -8.65
N PHE A 34 -8.19 -5.38 -7.99
CA PHE A 34 -7.07 -4.47 -7.75
C PHE A 34 -7.24 -3.92 -6.34
N SER A 35 -6.15 -3.40 -5.79
CA SER A 35 -6.21 -2.85 -4.46
C SER A 35 -5.11 -1.81 -4.25
N ASP A 36 -5.32 -0.95 -3.26
CA ASP A 36 -4.31 0.01 -2.88
C ASP A 36 -3.81 0.90 -4.01
N LEU A 37 -4.75 1.42 -4.79
CA LEU A 37 -4.46 2.33 -5.89
C LEU A 37 -3.88 3.64 -5.31
N HIS A 38 -4.33 4.01 -4.13
CA HIS A 38 -3.84 5.24 -3.48
C HIS A 38 -3.92 6.44 -4.42
N GLY A 39 -5.10 6.60 -5.02
CA GLY A 39 -5.45 7.70 -5.90
C GLY A 39 -4.54 7.98 -7.09
N GLN A 40 -3.69 7.03 -7.46
CA GLN A 40 -2.77 7.25 -8.56
C GLN A 40 -3.47 7.29 -9.92
N ALA A 41 -3.77 8.50 -10.35
CA ALA A 41 -4.52 8.75 -11.56
C ALA A 41 -3.74 8.58 -12.84
N PHE A 42 -2.43 8.78 -12.78
CA PHE A 42 -1.62 8.74 -13.98
C PHE A 42 -0.59 7.63 -14.04
N PRO A 43 -0.17 7.25 -15.27
CA PRO A 43 0.86 6.23 -15.42
C PRO A 43 2.11 6.71 -14.69
N HIS A 44 2.74 5.82 -13.93
CA HIS A 44 3.90 6.22 -13.15
C HIS A 44 4.77 5.00 -12.89
N TYR A 45 5.86 5.17 -12.15
CA TYR A 45 6.76 4.06 -11.85
C TYR A 45 6.62 3.68 -10.39
N PHE A 46 6.65 2.38 -10.11
CA PHE A 46 6.46 1.86 -8.77
CA PHE A 46 6.53 1.89 -8.75
C PHE A 46 7.29 0.59 -8.59
N MET A 47 8.46 0.70 -7.96
CA MET A 47 9.34 -0.44 -7.73
C MET A 47 9.00 -1.17 -6.45
N GLU A 48 9.05 -2.49 -6.50
CA GLU A 48 8.87 -3.33 -5.32
C GLU A 48 10.06 -3.09 -4.38
N PRO A 49 9.90 -3.41 -3.08
CA PRO A 49 11.00 -3.15 -2.14
C PRO A 49 12.24 -4.00 -2.35
N PRO A 50 13.41 -3.43 -2.06
CA PRO A 50 14.65 -4.23 -2.16
C PRO A 50 14.70 -5.22 -0.99
N ASN A 51 14.09 -4.85 0.13
CA ASN A 51 14.05 -5.73 1.30
C ASN A 51 12.67 -5.83 1.94
N LEU A 52 12.36 -7.03 2.39
CA LEU A 52 11.13 -7.32 3.14
C LEU A 52 11.66 -8.26 4.23
N ILE A 53 12.32 -7.68 5.22
CA ILE A 53 12.97 -8.45 6.27
C ILE A 53 12.00 -9.15 7.20
N ALA A 54 12.23 -10.45 7.40
CA ALA A 54 11.37 -11.24 8.26
C ALA A 54 12.15 -11.84 9.42
N PRO A 55 11.46 -12.06 10.54
CA PRO A 55 12.14 -12.80 11.62
C PRO A 55 12.28 -14.22 11.08
N LYS A 56 13.30 -14.95 11.50
CA LYS A 56 13.52 -16.29 10.97
C LYS A 56 12.29 -17.19 10.73
N PRO A 57 11.41 -17.31 11.72
CA PRO A 57 10.22 -18.16 11.54
C PRO A 57 9.35 -17.84 10.32
N LEU A 58 9.42 -16.60 9.83
CA LEU A 58 8.60 -16.20 8.71
C LEU A 58 9.31 -16.09 7.36
N MET A 59 10.61 -16.32 7.36
CA MET A 59 11.41 -16.21 6.14
C MET A 59 10.97 -17.14 5.00
N GLY A 60 11.06 -16.66 3.76
CA GLY A 60 10.70 -17.45 2.58
C GLY A 60 9.23 -17.54 2.25
N ARG A 61 8.37 -16.83 2.99
CA ARG A 61 6.92 -16.85 2.74
C ARG A 61 6.54 -15.73 1.80
N PRO A 62 5.41 -15.87 1.09
CA PRO A 62 4.93 -14.72 0.31
C PRO A 62 4.70 -13.54 1.27
N GLY A 63 5.07 -12.34 0.85
CA GLY A 63 4.97 -11.17 1.70
C GLY A 63 6.34 -10.85 2.27
N TYR A 64 7.27 -11.78 2.08
CA TYR A 64 8.65 -11.63 2.56
C TYR A 64 9.66 -11.97 1.44
N LEU A 65 9.21 -11.96 0.20
CA LEU A 65 10.06 -12.31 -0.93
C LEU A 65 10.41 -11.07 -1.77
N THR A 66 11.69 -10.89 -2.07
CA THR A 66 12.14 -9.77 -2.93
C THR A 66 13.24 -10.22 -3.89
N GLY A 67 13.66 -9.29 -4.74
CA GLY A 67 14.78 -9.49 -5.65
C GLY A 67 14.76 -10.78 -6.45
N GLU A 68 15.91 -11.46 -6.49
CA GLU A 68 15.99 -12.70 -7.25
C GLU A 68 15.13 -13.77 -6.62
N ALA A 69 15.09 -13.80 -5.28
CA ALA A 69 14.33 -14.82 -4.58
C ALA A 69 12.86 -14.86 -4.99
N ILE A 70 12.24 -13.69 -5.16
CA ILE A 70 10.84 -13.69 -5.57
C ILE A 70 10.61 -14.28 -6.97
N LEU A 71 11.55 -14.00 -7.88
CA LEU A 71 11.43 -14.47 -9.25
C LEU A 71 11.51 -16.01 -9.26
N ARG A 72 12.46 -16.55 -8.52
CA ARG A 72 12.61 -18.01 -8.44
C ARG A 72 11.40 -18.67 -7.82
N TYR A 73 10.92 -18.10 -6.72
CA TYR A 73 9.78 -18.68 -6.01
C TYR A 73 8.59 -18.87 -6.95
N TYR A 74 8.35 -17.90 -7.82
CA TYR A 74 7.20 -17.99 -8.71
C TYR A 74 7.53 -18.53 -10.10
N GLY A 75 8.79 -18.84 -10.34
CA GLY A 75 9.20 -19.37 -11.63
C GLY A 75 9.11 -18.32 -12.72
N VAL A 76 9.41 -17.09 -12.34
CA VAL A 76 9.32 -15.97 -13.28
C VAL A 76 10.69 -15.70 -13.90
N GLU A 77 10.73 -15.67 -15.23
CA GLU A 77 11.99 -15.42 -15.89
C GLU A 77 12.36 -13.95 -15.78
N ARG A 78 13.64 -13.69 -15.65
CA ARG A 78 14.17 -12.34 -15.54
C ARG A 78 14.00 -11.61 -16.88
N GLY A 79 13.75 -10.31 -16.83
CA GLY A 79 13.55 -9.50 -18.03
C GLY A 79 12.13 -9.49 -18.59
N THR A 80 11.22 -10.22 -17.97
CA THR A 80 9.85 -10.27 -18.47
C THR A 80 9.02 -9.13 -17.90
N PRO A 81 7.82 -8.89 -18.47
CA PRO A 81 6.93 -7.84 -17.94
C PRO A 81 6.55 -8.16 -16.50
N LEU A 82 6.36 -9.45 -16.19
CA LEU A 82 6.04 -9.85 -14.82
C LEU A 82 7.22 -9.58 -13.89
N ALA A 83 8.44 -9.87 -14.34
CA ALA A 83 9.61 -9.61 -13.51
C ALA A 83 9.72 -8.12 -13.20
N TYR A 84 9.40 -7.30 -14.18
CA TYR A 84 9.44 -5.84 -14.03
C TYR A 84 8.47 -5.39 -12.93
N LEU A 85 7.33 -6.05 -12.82
CA LEU A 85 6.34 -5.71 -11.79
C LEU A 85 6.70 -6.31 -10.43
N LEU A 86 7.24 -7.51 -10.46
CA LEU A 86 7.46 -8.33 -9.26
C LEU A 86 8.70 -8.07 -8.38
N SER A 87 9.75 -7.48 -8.96
CA SER A 87 11.00 -7.35 -8.21
C SER A 87 11.81 -6.07 -8.56
N TYR A 88 12.67 -5.66 -7.64
CA TYR A 88 13.51 -4.48 -7.88
C TYR A 88 14.64 -4.81 -8.86
N VAL A 89 14.90 -6.11 -9.09
CA VAL A 89 15.97 -6.54 -9.99
C VAL A 89 15.78 -5.96 -11.39
N ASP A 90 16.83 -5.37 -11.95
CA ASP A 90 16.81 -4.75 -13.29
C ASP A 90 15.76 -3.64 -13.41
N PHE A 91 15.31 -3.08 -12.28
CA PHE A 91 14.24 -2.08 -12.36
C PHE A 91 14.37 -0.94 -13.39
N VAL A 92 15.43 -0.15 -13.28
CA VAL A 92 15.60 1.01 -14.16
C VAL A 92 15.55 0.60 -15.65
N GLU A 93 16.31 -0.46 -15.97
CA GLU A 93 16.35 -1.00 -17.32
C GLU A 93 14.97 -1.44 -17.80
N LEU A 94 14.24 -2.16 -16.95
CA LEU A 94 12.90 -2.62 -17.32
C LEU A 94 11.88 -1.50 -17.40
N ALA A 95 12.04 -0.48 -16.56
CA ALA A 95 11.13 0.67 -16.63
C ALA A 95 11.26 1.35 -18.01
N ARG A 96 12.48 1.43 -18.54
CA ARG A 96 12.66 2.06 -19.84
C ARG A 96 12.16 1.16 -20.98
N THR A 97 12.25 -0.15 -20.78
CA THR A 97 11.80 -1.16 -21.74
C THR A 97 10.27 -1.25 -21.86
N PHE A 98 9.59 -1.39 -20.72
CA PHE A 98 8.14 -1.60 -20.75
C PHE A 98 7.30 -0.34 -20.52
N GLY A 99 7.94 0.73 -20.07
CA GLY A 99 7.23 1.97 -19.81
C GLY A 99 6.61 1.97 -18.42
N PRO A 100 5.88 3.05 -18.07
CA PRO A 100 5.26 3.20 -16.76
C PRO A 100 4.09 2.25 -16.53
N ILE A 101 3.75 2.07 -15.25
CA ILE A 101 2.62 1.23 -14.90
C ILE A 101 1.44 2.08 -14.46
N GLY A 102 0.28 1.44 -14.30
CA GLY A 102 -0.91 2.09 -13.79
C GLY A 102 -1.48 3.21 -14.64
N GLY A 103 -2.16 4.14 -13.98
CA GLY A 103 -2.89 5.22 -14.61
C GLY A 103 -4.33 4.76 -14.63
N MET A 104 -5.25 5.64 -14.23
CA MET A 104 -6.66 5.26 -14.18
C MET A 104 -7.19 4.91 -15.57
N GLY A 105 -6.68 5.60 -16.58
CA GLY A 105 -7.07 5.34 -17.95
C GLY A 105 -6.76 3.93 -18.40
N ALA A 106 -5.48 3.54 -18.28
CA ALA A 106 -5.04 2.20 -18.68
C ALA A 106 -5.67 1.09 -17.84
N LEU A 107 -5.82 1.32 -16.54
CA LEU A 107 -6.43 0.30 -15.68
C LEU A 107 -7.87 0.07 -16.12
N THR A 108 -8.55 1.16 -16.47
CA THR A 108 -9.94 1.11 -16.92
C THR A 108 -10.04 0.31 -18.22
N ALA A 109 -9.13 0.60 -19.14
CA ALA A 109 -9.09 -0.06 -20.44
C ALA A 109 -8.89 -1.56 -20.25
N LEU A 110 -7.96 -1.92 -19.38
CA LEU A 110 -7.68 -3.33 -19.10
C LEU A 110 -8.90 -4.00 -18.46
N ILE A 111 -9.48 -3.35 -17.45
CA ILE A 111 -10.64 -3.93 -16.80
C ILE A 111 -11.75 -4.15 -17.82
N ARG A 112 -11.98 -3.15 -18.67
CA ARG A 112 -13.05 -3.23 -19.67
C ARG A 112 -12.81 -4.35 -20.67
N ASP A 113 -11.57 -4.50 -21.11
CA ASP A 113 -11.20 -5.59 -22.04
C ASP A 113 -11.51 -6.94 -21.41
N GLN A 114 -11.00 -7.14 -20.19
CA GLN A 114 -11.18 -8.41 -19.52
C GLN A 114 -12.62 -8.78 -19.26
N LYS A 115 -13.39 -7.82 -18.78
CA LYS A 115 -14.80 -8.07 -18.48
C LYS A 115 -15.59 -8.41 -19.76
N ALA A 116 -15.24 -7.76 -20.86
CA ALA A 116 -15.94 -8.02 -22.12
C ALA A 116 -15.64 -9.44 -22.64
N ARG A 117 -14.41 -9.89 -22.48
CA ARG A 117 -14.02 -11.22 -22.92
CA ARG A 117 -14.03 -11.22 -22.93
C ARG A 117 -14.81 -12.27 -22.14
N VAL A 118 -14.83 -12.10 -20.83
CA VAL A 118 -15.54 -13.02 -19.94
C VAL A 118 -17.03 -13.09 -20.22
N GLU A 119 -17.67 -11.92 -20.33
CA GLU A 119 -19.10 -11.89 -20.58
C GLU A 119 -19.43 -12.50 -21.94
N ALA A 120 -18.61 -12.18 -22.94
CA ALA A 120 -18.77 -12.72 -24.28
C ALA A 120 -18.59 -14.23 -24.25
N GLU A 121 -17.86 -14.73 -23.25
CA GLU A 121 -17.67 -16.16 -23.09
C GLU A 121 -18.92 -16.75 -22.47
N GLY A 122 -19.79 -15.88 -21.96
CA GLY A 122 -21.00 -16.28 -21.26
C GLY A 122 -20.71 -16.30 -19.77
N GLY A 123 -19.53 -15.82 -19.39
CA GLY A 123 -19.09 -15.79 -18.01
C GLY A 123 -19.67 -14.68 -17.17
N LYS A 124 -19.34 -14.67 -15.89
CA LYS A 124 -19.78 -13.64 -14.94
C LYS A 124 -18.55 -13.00 -14.29
N ALA A 125 -18.37 -11.70 -14.50
CA ALA A 125 -17.22 -10.99 -13.96
C ALA A 125 -17.55 -9.96 -12.90
N LEU A 126 -16.84 -10.01 -11.77
CA LEU A 126 -16.99 -9.03 -10.70
C LEU A 126 -15.74 -8.12 -10.62
N VAL A 127 -15.95 -6.82 -10.45
CA VAL A 127 -14.85 -5.89 -10.30
C VAL A 127 -14.73 -5.57 -8.82
N LEU A 128 -13.64 -6.03 -8.21
CA LEU A 128 -13.44 -5.90 -6.77
C LEU A 128 -12.25 -4.99 -6.42
N ASP A 129 -12.51 -4.01 -5.56
CA ASP A 129 -11.49 -3.05 -5.13
C ASP A 129 -11.14 -3.27 -3.65
N GLY A 130 -9.88 -3.63 -3.40
CA GLY A 130 -9.39 -3.93 -2.06
C GLY A 130 -9.23 -2.79 -1.06
N GLY A 131 -9.47 -1.54 -1.48
CA GLY A 131 -9.37 -0.40 -0.59
C GLY A 131 -8.12 0.44 -0.75
N ASP A 132 -7.99 1.50 0.04
CA ASP A 132 -6.87 2.42 -0.09
C ASP A 132 -6.86 2.99 -1.51
N THR A 133 -8.05 3.34 -1.96
CA THR A 133 -8.28 3.88 -3.30
C THR A 133 -8.39 5.41 -3.37
N TRP A 134 -9.22 5.96 -2.49
CA TRP A 134 -9.61 7.38 -2.55
C TRP A 134 -8.59 8.44 -2.20
N THR A 135 -7.51 8.05 -1.55
CA THR A 135 -6.56 9.00 -0.97
C THR A 135 -5.15 8.96 -1.53
N ASN A 136 -4.32 9.89 -1.03
CA ASN A 136 -2.88 9.92 -1.31
C ASN A 136 -2.39 10.20 -2.73
N SER A 137 -2.97 11.23 -3.36
CA SER A 137 -2.57 11.67 -4.69
C SER A 137 -3.04 13.12 -4.93
N GLY A 138 -2.54 13.75 -5.98
CA GLY A 138 -2.95 15.11 -6.30
C GLY A 138 -4.46 15.17 -6.53
N LEU A 139 -4.95 14.37 -7.47
CA LEU A 139 -6.38 14.34 -7.79
C LEU A 139 -7.26 14.13 -6.56
N SER A 140 -6.80 13.29 -5.64
CA SER A 140 -7.53 13.03 -4.41
C SER A 140 -7.58 14.25 -3.49
N LEU A 141 -6.41 14.80 -3.20
CA LEU A 141 -6.32 15.95 -2.31
C LEU A 141 -7.10 17.14 -2.86
N LEU A 142 -7.03 17.34 -4.18
CA LEU A 142 -7.69 18.47 -4.82
C LEU A 142 -9.22 18.41 -4.83
N THR A 143 -9.78 17.23 -4.60
CA THR A 143 -11.23 17.07 -4.63
C THR A 143 -11.69 16.35 -3.39
N ARG A 144 -10.81 16.31 -2.39
CA ARG A 144 -11.11 15.58 -1.16
C ARG A 144 -11.66 14.18 -1.45
N GLY A 145 -11.00 13.48 -2.39
CA GLY A 145 -11.34 12.12 -2.76
C GLY A 145 -12.44 11.91 -3.79
N GLU A 146 -13.28 12.92 -4.00
CA GLU A 146 -14.42 12.79 -4.90
C GLU A 146 -14.13 12.36 -6.33
N ALA A 147 -13.06 12.89 -6.92
CA ALA A 147 -12.73 12.55 -8.29
C ALA A 147 -12.35 11.08 -8.45
N VAL A 148 -11.89 10.48 -7.35
CA VAL A 148 -11.52 9.06 -7.34
C VAL A 148 -12.80 8.23 -7.32
N VAL A 149 -13.77 8.68 -6.53
CA VAL A 149 -15.06 8.01 -6.47
C VAL A 149 -15.72 8.06 -7.83
N ARG A 150 -15.66 9.22 -8.49
CA ARG A 150 -16.24 9.37 -9.82
CA ARG A 150 -16.23 9.38 -9.83
C ARG A 150 -15.60 8.40 -10.81
N TRP A 151 -14.28 8.28 -10.76
CA TRP A 151 -13.57 7.36 -11.65
C TRP A 151 -14.06 5.93 -11.40
N GLN A 152 -14.21 5.57 -10.13
CA GLN A 152 -14.69 4.25 -9.76
C GLN A 152 -16.01 3.94 -10.46
N ASN A 153 -16.90 4.93 -10.47
CA ASN A 153 -18.22 4.78 -11.08
C ASN A 153 -18.09 4.63 -12.60
N LEU A 154 -17.12 5.32 -13.19
CA LEU A 154 -16.86 5.23 -14.62
C LEU A 154 -16.45 3.80 -15.01
N VAL A 155 -15.54 3.21 -14.24
CA VAL A 155 -15.09 1.85 -14.55
C VAL A 155 -16.13 0.80 -14.18
N GLY A 156 -16.85 1.03 -13.07
CA GLY A 156 -17.86 0.11 -12.60
C GLY A 156 -17.38 -0.87 -11.53
N VAL A 157 -17.03 -0.35 -10.35
CA VAL A 157 -16.57 -1.19 -9.24
C VAL A 157 -17.76 -1.80 -8.50
N ASP A 158 -17.78 -3.13 -8.39
CA ASP A 158 -18.87 -3.84 -7.72
C ASP A 158 -18.84 -3.76 -6.20
N HIS A 159 -17.64 -3.84 -5.64
CA HIS A 159 -17.46 -3.74 -4.20
C HIS A 159 -16.11 -3.14 -3.91
N MET A 160 -15.96 -2.65 -2.68
CA MET A 160 -14.69 -2.13 -2.18
C MET A 160 -14.73 -2.24 -0.67
N VAL A 161 -13.55 -2.30 -0.06
CA VAL A 161 -13.39 -2.26 1.39
C VAL A 161 -12.57 -0.99 1.67
N SER A 162 -12.08 -0.80 2.89
CA SER A 162 -11.38 0.44 3.17
C SER A 162 -10.25 0.39 4.18
N HIS A 163 -9.48 1.46 4.18
CA HIS A 163 -8.44 1.73 5.17
C HIS A 163 -8.21 3.25 5.21
N TRP A 164 -7.35 3.75 4.33
CA TRP A 164 -7.02 5.19 4.28
C TRP A 164 -8.19 6.10 3.95
N GLU A 165 -9.25 5.53 3.39
CA GLU A 165 -10.46 6.28 3.06
C GLU A 165 -10.89 7.10 4.28
N TRP A 166 -10.74 6.53 5.47
CA TRP A 166 -11.17 7.18 6.70
C TRP A 166 -10.38 8.40 7.12
N THR A 167 -9.24 8.65 6.48
CA THR A 167 -8.43 9.82 6.81
C THR A 167 -9.10 11.06 6.20
N LEU A 168 -10.17 10.81 5.46
CA LEU A 168 -10.98 11.87 4.89
C LEU A 168 -11.94 12.40 5.96
N GLY A 169 -12.10 11.65 7.04
CA GLY A 169 -13.04 11.98 8.10
C GLY A 169 -14.38 11.26 7.85
N ARG A 170 -14.97 10.77 8.94
CA ARG A 170 -16.26 10.05 8.90
C ARG A 170 -17.32 10.72 8.04
N GLU A 171 -17.44 12.04 8.18
CA GLU A 171 -18.44 12.77 7.42
C GLU A 171 -18.21 12.69 5.91
N ARG A 172 -16.98 12.97 5.47
CA ARG A 172 -16.69 12.96 4.04
C ARG A 172 -16.84 11.55 3.46
N VAL A 173 -16.48 10.54 4.24
CA VAL A 173 -16.62 9.16 3.79
C VAL A 173 -18.12 8.90 3.58
N GLU A 174 -18.91 9.24 4.60
CA GLU A 174 -20.36 9.05 4.54
C GLU A 174 -20.92 9.69 3.28
N GLU A 175 -20.45 10.90 2.98
CA GLU A 175 -20.82 11.63 1.79
C GLU A 175 -20.47 10.88 0.51
N LEU A 176 -19.19 10.57 0.35
CA LEU A 176 -18.67 9.86 -0.84
C LEU A 176 -19.32 8.51 -1.09
N LEU A 177 -19.75 7.84 -0.03
CA LEU A 177 -20.42 6.55 -0.18
C LEU A 177 -21.81 6.74 -0.82
N GLY A 178 -22.30 7.99 -0.79
CA GLY A 178 -23.58 8.31 -1.38
C GLY A 178 -23.40 8.44 -2.88
N LEU A 179 -22.19 8.77 -3.28
CA LEU A 179 -21.86 8.91 -4.69
C LEU A 179 -21.40 7.58 -5.28
N PHE A 180 -20.69 6.79 -4.47
CA PHE A 180 -20.16 5.49 -4.87
C PHE A 180 -21.27 4.55 -5.34
N ARG A 181 -21.22 4.13 -6.59
CA ARG A 181 -22.25 3.24 -7.16
C ARG A 181 -22.09 1.77 -6.82
N GLY A 182 -20.90 1.34 -6.41
CA GLY A 182 -20.70 -0.06 -6.04
C GLY A 182 -21.28 -0.22 -4.65
N GLU A 183 -21.23 -1.43 -4.09
CA GLU A 183 -21.72 -1.66 -2.74
C GLU A 183 -20.54 -1.84 -1.79
N PHE A 184 -20.45 -0.96 -0.81
CA PHE A 184 -19.36 -1.00 0.14
C PHE A 184 -19.63 -2.10 1.17
N LEU A 185 -18.62 -2.89 1.49
CA LEU A 185 -18.77 -3.98 2.44
C LEU A 185 -17.77 -3.89 3.59
N SER A 186 -18.18 -4.43 4.74
CA SER A 186 -17.31 -4.55 5.91
C SER A 186 -18.06 -5.22 7.05
N TYR A 187 -17.52 -6.32 7.54
CA TYR A 187 -18.16 -7.03 8.64
C TYR A 187 -17.71 -6.42 9.97
N ASN A 188 -16.60 -5.67 9.94
CA ASN A 188 -16.00 -5.17 11.18
C ASN A 188 -16.15 -3.72 11.58
N ILE A 189 -16.73 -2.89 10.72
CA ILE A 189 -16.95 -1.50 11.10
C ILE A 189 -18.27 -1.42 11.83
N VAL A 190 -18.20 -1.24 13.14
CA VAL A 190 -19.36 -1.21 14.01
C VAL A 190 -19.39 0.05 14.86
N ASP A 191 -20.57 0.38 15.38
CA ASP A 191 -20.72 1.51 16.28
C ASP A 191 -19.98 1.18 17.57
N ASP A 192 -19.15 2.10 18.07
CA ASP A 192 -18.36 1.82 19.28
C ASP A 192 -19.13 1.67 20.59
N LEU A 193 -20.40 2.02 20.60
CA LEU A 193 -21.21 1.89 21.82
C LEU A 193 -22.15 0.70 21.80
N PHE A 194 -22.91 0.55 20.73
CA PHE A 194 -23.90 -0.52 20.61
C PHE A 194 -23.33 -1.76 19.91
N GLY A 195 -22.28 -1.56 19.11
CA GLY A 195 -21.68 -2.66 18.38
C GLY A 195 -22.45 -3.13 17.16
N ASP A 196 -23.34 -2.29 16.63
CA ASP A 196 -24.09 -2.66 15.43
C ASP A 196 -23.29 -2.30 14.17
N PRO A 197 -23.16 -3.25 13.25
CA PRO A 197 -22.40 -2.99 12.02
C PRO A 197 -23.05 -1.89 11.21
N LEU A 198 -22.21 -1.03 10.63
CA LEU A 198 -22.73 0.07 9.83
C LEU A 198 -23.00 -0.33 8.38
N PHE A 199 -22.29 -1.35 7.90
CA PHE A 199 -22.45 -1.77 6.51
C PHE A 199 -22.70 -3.26 6.41
N PRO A 200 -23.11 -3.74 5.23
CA PRO A 200 -23.29 -5.18 5.03
C PRO A 200 -21.95 -5.89 5.12
N ALA A 201 -21.95 -7.06 5.77
CA ALA A 201 -20.76 -7.88 5.92
C ALA A 201 -20.41 -8.55 4.59
N TYR A 202 -21.43 -8.95 3.83
CA TYR A 202 -21.18 -9.65 2.59
C TYR A 202 -22.34 -9.54 1.61
N ARG A 203 -22.08 -9.95 0.37
CA ARG A 203 -23.09 -9.97 -0.67
CA ARG A 203 -23.10 -9.97 -0.65
C ARG A 203 -22.95 -11.23 -1.50
N ILE A 204 -24.07 -11.88 -1.76
CA ILE A 204 -24.11 -13.10 -2.56
C ILE A 204 -24.44 -12.75 -4.02
N HIS A 205 -23.63 -13.27 -4.94
CA HIS A 205 -23.86 -13.07 -6.37
C HIS A 205 -24.17 -14.40 -7.04
N ARG A 206 -25.10 -14.38 -7.98
CA ARG A 206 -25.40 -15.58 -8.74
C ARG A 206 -24.35 -15.75 -9.83
N VAL A 207 -23.76 -16.93 -9.91
CA VAL A 207 -22.75 -17.24 -10.92
C VAL A 207 -23.17 -18.54 -11.58
N GLY A 208 -24.07 -18.45 -12.54
CA GLY A 208 -24.62 -19.61 -13.20
C GLY A 208 -25.56 -20.33 -12.25
N PRO A 209 -25.27 -21.61 -11.96
CA PRO A 209 -26.12 -22.37 -11.04
C PRO A 209 -25.67 -22.21 -9.59
N TYR A 210 -24.49 -21.63 -9.40
CA TYR A 210 -23.92 -21.48 -8.06
C TYR A 210 -24.10 -20.08 -7.46
N ALA A 211 -23.73 -19.95 -6.19
CA ALA A 211 -23.80 -18.68 -5.46
C ALA A 211 -22.44 -18.37 -4.82
N LEU A 212 -21.90 -17.20 -5.09
CA LEU A 212 -20.59 -16.79 -4.57
C LEU A 212 -20.75 -15.61 -3.62
N ALA A 213 -20.32 -15.78 -2.39
CA ALA A 213 -20.40 -14.70 -1.41
C ALA A 213 -19.08 -13.94 -1.33
N VAL A 214 -19.17 -12.61 -1.39
CA VAL A 214 -18.02 -11.73 -1.22
C VAL A 214 -18.17 -11.07 0.15
N VAL A 215 -17.31 -11.46 1.08
CA VAL A 215 -17.31 -10.92 2.43
C VAL A 215 -16.26 -9.82 2.46
N GLY A 216 -16.53 -8.73 3.17
CA GLY A 216 -15.60 -7.63 3.24
C GLY A 216 -15.01 -7.44 4.62
N ALA A 217 -13.75 -7.02 4.66
CA ALA A 217 -13.04 -6.75 5.92
C ALA A 217 -12.17 -5.51 5.74
N SER A 218 -12.39 -4.52 6.60
CA SER A 218 -11.63 -3.29 6.55
C SER A 218 -10.46 -3.36 7.53
N TYR A 219 -9.44 -2.54 7.31
CA TYR A 219 -8.24 -2.55 8.17
C TYR A 219 -8.65 -2.36 9.62
N PRO A 220 -8.27 -3.32 10.49
CA PRO A 220 -8.70 -3.28 11.90
C PRO A 220 -7.97 -2.30 12.80
N TYR A 221 -6.87 -1.73 12.32
CA TYR A 221 -6.06 -0.83 13.14
C TYR A 221 -6.14 0.65 12.82
N VAL A 222 -7.26 1.06 12.23
CA VAL A 222 -7.46 2.45 11.86
C VAL A 222 -7.33 3.44 13.04
N LYS A 223 -7.76 3.05 14.22
CA LYS A 223 -7.72 3.98 15.35
C LYS A 223 -6.32 4.39 15.82
N VAL A 224 -5.40 3.43 15.82
CA VAL A 224 -4.03 3.71 16.26
C VAL A 224 -3.12 4.15 15.11
N SER A 225 -3.59 4.04 13.89
CA SER A 225 -2.77 4.39 12.73
C SER A 225 -2.99 5.78 12.19
N HIS A 226 -4.10 6.38 12.59
CA HIS A 226 -4.45 7.72 12.14
C HIS A 226 -5.08 8.52 13.26
N PRO A 227 -5.23 9.84 13.06
CA PRO A 227 -5.84 10.66 14.11
C PRO A 227 -7.17 10.03 14.54
N GLU A 228 -7.33 9.83 15.85
CA GLU A 228 -8.52 9.19 16.40
C GLU A 228 -9.81 9.89 16.00
N SER A 229 -9.74 11.20 15.80
CA SER A 229 -10.91 11.99 15.46
C SER A 229 -11.49 11.66 14.09
N PHE A 230 -10.72 10.96 13.25
CA PHE A 230 -11.20 10.63 11.91
C PHE A 230 -12.28 9.56 11.97
N THR A 231 -12.17 8.69 12.97
CA THR A 231 -13.11 7.58 13.13
C THR A 231 -13.84 7.55 14.47
N GLU A 232 -14.04 8.72 15.08
CA GLU A 232 -14.72 8.77 16.37
C GLU A 232 -16.12 8.17 16.28
N GLY A 233 -16.44 7.29 17.22
CA GLY A 233 -17.75 6.65 17.26
C GLY A 233 -17.75 5.30 16.55
N LEU A 234 -16.62 4.96 15.93
CA LEU A 234 -16.48 3.68 15.23
C LEU A 234 -15.45 2.74 15.85
N SER A 235 -15.66 1.45 15.68
CA SER A 235 -14.68 0.44 16.07
C SER A 235 -14.44 -0.34 14.78
N PHE A 236 -13.19 -0.71 14.52
CA PHE A 236 -12.83 -1.43 13.29
C PHE A 236 -12.21 -2.74 13.73
N ALA A 237 -12.25 -3.01 15.03
CA ALA A 237 -11.63 -4.18 15.60
C ALA A 237 -11.86 -5.51 14.88
N LEU A 238 -10.80 -6.30 14.79
CA LEU A 238 -10.87 -7.63 14.22
C LEU A 238 -11.70 -8.47 15.18
N ASP A 239 -12.75 -9.10 14.67
CA ASP A 239 -13.65 -9.90 15.50
C ASP A 239 -13.86 -11.26 14.83
N GLU A 240 -13.09 -12.25 15.25
CA GLU A 240 -13.17 -13.57 14.63
C GLU A 240 -14.54 -14.22 14.76
N ARG A 241 -15.15 -14.02 15.92
CA ARG A 241 -16.48 -14.55 16.19
C ARG A 241 -17.43 -13.98 15.15
N ARG A 242 -17.40 -12.66 15.01
CA ARG A 242 -18.25 -11.96 14.06
C ARG A 242 -17.93 -12.31 12.59
N LEU A 243 -16.66 -12.46 12.27
CA LEU A 243 -16.28 -12.83 10.91
C LEU A 243 -16.78 -14.25 10.64
N GLN A 244 -16.45 -15.18 11.54
CA GLN A 244 -16.89 -16.57 11.40
C GLN A 244 -18.39 -16.63 11.23
N GLU A 245 -19.10 -15.86 12.05
CA GLU A 245 -20.55 -15.87 11.96
C GLU A 245 -21.09 -15.36 10.60
N ALA A 246 -20.45 -14.35 10.02
CA ALA A 246 -20.87 -13.85 8.71
C ALA A 246 -20.63 -14.87 7.58
N VAL A 247 -19.58 -15.66 7.71
CA VAL A 247 -19.26 -16.69 6.70
C VAL A 247 -20.27 -17.82 6.84
N ASP A 248 -20.59 -18.17 8.08
CA ASP A 248 -21.56 -19.22 8.36
C ASP A 248 -22.93 -18.81 7.82
N LYS A 249 -23.26 -17.54 7.99
CA LYS A 249 -24.55 -17.02 7.55
C LYS A 249 -24.65 -16.99 6.03
N ALA A 250 -23.60 -16.53 5.36
CA ALA A 250 -23.57 -16.47 3.91
C ALA A 250 -23.90 -17.84 3.32
N ARG A 251 -23.28 -18.88 3.86
CA ARG A 251 -23.48 -20.26 3.40
C ARG A 251 -24.87 -20.75 3.71
N ALA A 252 -25.37 -20.40 4.90
CA ALA A 252 -26.72 -20.78 5.31
C ALA A 252 -27.74 -20.16 4.35
N GLU A 253 -27.40 -19.00 3.81
CA GLU A 253 -28.28 -18.30 2.88
C GLU A 253 -28.11 -18.79 1.45
N GLY A 254 -27.29 -19.80 1.24
CA GLY A 254 -27.11 -20.36 -0.08
C GLY A 254 -25.75 -20.29 -0.74
N ALA A 255 -24.83 -19.52 -0.17
CA ALA A 255 -23.49 -19.40 -0.76
C ALA A 255 -22.78 -20.75 -0.84
N ASN A 256 -22.30 -21.11 -2.03
CA ASN A 256 -21.52 -22.33 -2.22
C ASN A 256 -20.05 -22.00 -1.94
N ALA A 257 -19.62 -20.81 -2.37
CA ALA A 257 -18.22 -20.40 -2.20
C ALA A 257 -18.12 -19.05 -1.52
N VAL A 258 -17.05 -18.87 -0.73
CA VAL A 258 -16.85 -17.66 0.03
C VAL A 258 -15.51 -16.99 -0.27
N VAL A 259 -15.57 -15.73 -0.72
CA VAL A 259 -14.39 -14.92 -1.01
C VAL A 259 -14.33 -13.76 -0.02
N LEU A 260 -13.18 -13.60 0.62
CA LEU A 260 -12.97 -12.50 1.55
C LEU A 260 -12.19 -11.38 0.86
N LEU A 261 -12.86 -10.25 0.64
CA LEU A 261 -12.23 -9.06 0.06
C LEU A 261 -11.64 -8.36 1.28
N SER A 262 -10.32 -8.49 1.45
CA SER A 262 -9.68 -8.06 2.69
C SER A 262 -8.72 -6.88 2.66
N HIS A 263 -8.72 -6.13 3.75
CA HIS A 263 -7.76 -5.05 3.95
C HIS A 263 -7.10 -5.18 5.31
N ASN A 264 -6.96 -6.42 5.76
CA ASN A 264 -6.34 -6.76 7.05
C ASN A 264 -4.82 -6.72 6.94
N GLY A 265 -4.32 -7.13 5.78
CA GLY A 265 -2.89 -7.32 5.56
C GLY A 265 -2.73 -8.81 5.26
N MET A 266 -1.88 -9.17 4.29
CA MET A 266 -1.72 -10.58 3.94
C MET A 266 -1.32 -11.55 5.05
N GLN A 267 -0.40 -11.16 5.94
CA GLN A 267 -0.02 -12.09 7.01
C GLN A 267 -1.18 -12.33 7.98
N LEU A 268 -1.91 -11.27 8.28
CA LEU A 268 -3.10 -11.38 9.15
C LEU A 268 -4.13 -12.25 8.41
N ASP A 269 -4.23 -12.04 7.10
CA ASP A 269 -5.14 -12.85 6.29
C ASP A 269 -4.72 -14.32 6.39
N ALA A 270 -3.42 -14.59 6.32
CA ALA A 270 -2.91 -15.96 6.44
C ALA A 270 -3.26 -16.61 7.78
N ALA A 271 -3.11 -15.86 8.87
CA ALA A 271 -3.44 -16.38 10.19
C ALA A 271 -4.92 -16.72 10.27
N LEU A 272 -5.76 -15.85 9.74
CA LEU A 272 -7.20 -16.06 9.72
C LEU A 272 -7.61 -17.32 8.97
N ALA A 273 -6.86 -17.66 7.92
CA ALA A 273 -7.14 -18.83 7.10
C ALA A 273 -7.04 -20.10 7.94
N GLU A 274 -6.23 -20.04 8.98
CA GLU A 274 -6.03 -21.19 9.87
CA GLU A 274 -6.03 -21.19 9.87
C GLU A 274 -6.96 -21.14 11.07
N ARG A 275 -7.70 -20.05 11.23
CA ARG A 275 -8.58 -19.89 12.38
CA ARG A 275 -8.58 -19.88 12.39
C ARG A 275 -10.06 -19.81 12.00
N ILE A 276 -10.34 -19.41 10.78
CA ILE A 276 -11.71 -19.29 10.31
C ILE A 276 -12.03 -20.44 9.38
N ARG A 277 -13.26 -20.94 9.48
CA ARG A 277 -13.68 -22.06 8.65
C ARG A 277 -14.53 -21.50 7.53
N GLY A 278 -14.43 -22.10 6.35
CA GLY A 278 -15.28 -21.73 5.24
C GLY A 278 -14.86 -20.60 4.31
N ILE A 279 -13.64 -20.10 4.43
CA ILE A 279 -13.15 -19.08 3.49
C ILE A 279 -12.31 -19.81 2.43
N ASP A 280 -12.77 -19.74 1.18
CA ASP A 280 -12.14 -20.44 0.07
C ASP A 280 -11.04 -19.64 -0.62
N LEU A 281 -11.23 -18.32 -0.67
CA LEU A 281 -10.28 -17.41 -1.31
C LEU A 281 -10.23 -16.09 -0.57
N ILE A 282 -9.03 -15.54 -0.41
CA ILE A 282 -8.84 -14.23 0.21
C ILE A 282 -8.12 -13.31 -0.78
N LEU A 283 -8.72 -12.15 -1.08
CA LEU A 283 -8.09 -11.15 -1.95
C LEU A 283 -7.46 -10.17 -0.99
N SER A 284 -6.16 -10.31 -0.77
CA SER A 284 -5.42 -9.55 0.24
C SER A 284 -4.86 -8.21 -0.18
N GLY A 285 -5.40 -7.15 0.42
CA GLY A 285 -4.92 -5.79 0.22
C GLY A 285 -4.01 -5.39 1.38
N HIS A 286 -3.74 -4.08 1.48
CA HIS A 286 -2.95 -3.48 2.56
C HIS A 286 -1.42 -3.60 2.55
N THR A 287 -0.92 -4.81 2.33
CA THR A 287 0.51 -5.05 2.35
C THR A 287 1.23 -4.78 1.03
N HIS A 288 0.45 -4.44 0.00
CA HIS A 288 0.97 -4.11 -1.34
C HIS A 288 1.76 -5.24 -2.00
N ASP A 289 1.40 -6.47 -1.66
CA ASP A 289 2.08 -7.66 -2.17
C ASP A 289 1.66 -8.08 -3.57
N LEU A 290 2.44 -8.98 -4.15
CA LEU A 290 2.19 -9.56 -5.47
C LEU A 290 2.32 -11.08 -5.33
N THR A 291 1.32 -11.81 -5.84
CA THR A 291 1.31 -13.27 -5.79
C THR A 291 0.94 -13.82 -7.18
N PRO A 292 1.92 -13.99 -8.08
CA PRO A 292 1.66 -14.51 -9.43
C PRO A 292 0.94 -15.86 -9.43
N ARG A 293 1.11 -16.60 -8.33
CA ARG A 293 0.45 -17.88 -8.10
CA ARG A 293 0.44 -17.87 -8.11
C ARG A 293 -0.20 -17.75 -6.73
N PRO A 294 -1.42 -18.29 -6.56
CA PRO A 294 -2.06 -18.14 -5.25
C PRO A 294 -1.33 -18.83 -4.09
N TRP A 295 -1.38 -18.21 -2.93
CA TRP A 295 -0.75 -18.75 -1.74
C TRP A 295 -1.74 -19.67 -1.01
N ARG A 296 -1.41 -20.96 -0.93
CA ARG A 296 -2.30 -21.91 -0.25
C ARG A 296 -2.04 -21.91 1.26
N VAL A 297 -3.03 -21.48 2.03
CA VAL A 297 -2.91 -21.54 3.50
C VAL A 297 -4.13 -22.27 4.06
N GLY A 298 -3.91 -23.37 4.78
CA GLY A 298 -4.98 -24.19 5.30
C GLY A 298 -5.80 -24.71 4.13
N LYS A 299 -7.06 -24.32 4.09
CA LYS A 299 -7.92 -24.73 2.98
CA LYS A 299 -7.96 -24.72 3.01
C LYS A 299 -8.37 -23.49 2.21
N THR A 300 -7.50 -22.47 2.23
CA THR A 300 -7.76 -21.20 1.57
C THR A 300 -6.68 -20.84 0.57
N TRP A 301 -7.08 -20.17 -0.51
CA TRP A 301 -6.16 -19.63 -1.50
C TRP A 301 -6.09 -18.11 -1.25
N ILE A 302 -4.90 -17.56 -1.32
CA ILE A 302 -4.71 -16.11 -1.10
C ILE A 302 -4.09 -15.45 -2.31
N VAL A 303 -4.69 -14.35 -2.75
CA VAL A 303 -4.20 -13.58 -3.89
C VAL A 303 -4.09 -12.14 -3.44
N ALA A 304 -2.89 -11.57 -3.55
CA ALA A 304 -2.63 -10.17 -3.14
C ALA A 304 -3.05 -9.17 -4.20
N GLY A 305 -3.31 -7.93 -3.79
CA GLY A 305 -3.78 -6.89 -4.68
C GLY A 305 -2.79 -5.89 -5.27
N SER A 306 -1.50 -6.08 -5.03
CA SER A 306 -0.49 -5.15 -5.52
C SER A 306 -0.82 -3.72 -5.07
N ALA A 307 -0.48 -2.71 -5.88
CA ALA A 307 -0.70 -1.33 -5.48
C ALA A 307 -0.45 -0.30 -6.56
N ALA A 308 -0.93 0.91 -6.29
CA ALA A 308 -0.68 2.07 -7.16
C ALA A 308 -1.13 1.86 -8.60
N GLY A 309 -2.00 0.88 -8.80
CA GLY A 309 -2.54 0.54 -10.11
C GLY A 309 -1.61 -0.27 -11.02
N LYS A 310 -0.56 -0.85 -10.46
CA LYS A 310 0.38 -1.58 -11.31
C LYS A 310 -0.13 -2.87 -11.95
N ALA A 311 -1.10 -3.51 -11.31
CA ALA A 311 -1.59 -4.76 -11.84
C ALA A 311 -3.08 -5.00 -11.59
N LEU A 312 -3.69 -5.72 -12.52
CA LEU A 312 -5.06 -6.16 -12.37
C LEU A 312 -4.96 -7.67 -12.18
N MET A 313 -5.41 -8.17 -11.04
CA MET A 313 -5.38 -9.61 -10.80
C MET A 313 -6.66 -10.25 -11.36
N ARG A 314 -6.52 -11.11 -12.36
CA ARG A 314 -7.67 -11.81 -12.91
C ARG A 314 -7.71 -13.19 -12.29
N VAL A 315 -8.78 -13.47 -11.57
CA VAL A 315 -8.93 -14.75 -10.88
C VAL A 315 -10.16 -15.47 -11.41
N ASP A 316 -9.94 -16.55 -12.16
CA ASP A 316 -11.04 -17.33 -12.72
C ASP A 316 -11.34 -18.50 -11.80
N LEU A 317 -12.61 -18.67 -11.46
CA LEU A 317 -13.00 -19.71 -10.53
C LEU A 317 -13.91 -20.76 -11.15
N LYS A 318 -13.60 -22.02 -10.86
CA LYS A 318 -14.43 -23.16 -11.21
C LYS A 318 -15.04 -23.51 -9.86
N LEU A 319 -16.35 -23.32 -9.70
CA LEU A 319 -16.98 -23.56 -8.42
C LEU A 319 -17.64 -24.93 -8.34
N TRP A 320 -17.87 -25.38 -7.12
CA TRP A 320 -18.62 -26.59 -6.87
C TRP A 320 -19.54 -26.32 -5.69
N LYS A 321 -20.48 -27.22 -5.44
CA LYS A 321 -21.45 -27.05 -4.37
CA LYS A 321 -21.46 -27.07 -4.37
C LYS A 321 -20.84 -26.64 -3.02
N GLY A 322 -19.62 -27.10 -2.74
CA GLY A 322 -18.99 -26.79 -1.46
C GLY A 322 -17.82 -25.81 -1.41
N GLY A 323 -17.56 -25.12 -2.50
CA GLY A 323 -16.45 -24.17 -2.51
C GLY A 323 -15.88 -23.89 -3.87
N ILE A 324 -14.57 -23.71 -3.91
CA ILE A 324 -13.86 -23.43 -5.16
C ILE A 324 -13.15 -24.71 -5.55
N ALA A 325 -13.52 -25.29 -6.69
CA ALA A 325 -12.91 -26.56 -7.10
C ALA A 325 -11.47 -26.30 -7.54
N ASN A 326 -11.29 -25.27 -8.35
CA ASN A 326 -9.99 -24.89 -8.87
C ASN A 326 -10.06 -23.42 -9.26
N LEU A 327 -8.91 -22.82 -9.57
CA LEU A 327 -8.86 -21.40 -9.95
C LEU A 327 -7.65 -21.12 -10.83
N ARG A 328 -7.76 -20.12 -11.68
CA ARG A 328 -6.64 -19.70 -12.49
C ARG A 328 -6.34 -18.26 -12.11
N VAL A 329 -5.09 -17.99 -11.76
CA VAL A 329 -4.70 -16.65 -11.33
C VAL A 329 -3.71 -16.06 -12.32
N ARG A 330 -3.97 -14.86 -12.79
CA ARG A 330 -3.05 -14.18 -13.69
C ARG A 330 -2.85 -12.74 -13.25
N VAL A 331 -1.60 -12.37 -13.04
CA VAL A 331 -1.26 -11.00 -12.71
C VAL A 331 -1.12 -10.31 -14.05
N LEU A 332 -2.05 -9.42 -14.38
CA LEU A 332 -2.01 -8.71 -15.65
C LEU A 332 -1.37 -7.34 -15.46
N PRO A 333 -0.18 -7.14 -16.04
CA PRO A 333 0.42 -5.81 -15.84
C PRO A 333 -0.36 -4.68 -16.49
N VAL A 334 -0.56 -3.60 -15.74
CA VAL A 334 -1.24 -2.42 -16.29
C VAL A 334 -0.16 -1.57 -16.92
N LEU A 335 0.10 -1.79 -18.20
CA LEU A 335 1.15 -1.05 -18.89
C LEU A 335 0.55 -0.07 -19.90
N ALA A 336 0.57 1.21 -19.54
CA ALA A 336 -0.01 2.26 -20.39
C ALA A 336 0.47 2.28 -21.84
N GLU A 337 1.74 1.97 -22.07
CA GLU A 337 2.26 1.97 -23.44
C GLU A 337 1.73 0.80 -24.25
N HIS A 338 1.14 -0.19 -23.60
CA HIS A 338 0.68 -1.37 -24.31
C HIS A 338 -0.81 -1.66 -24.20
N LEU A 339 -1.56 -0.64 -23.82
CA LEU A 339 -3.01 -0.76 -23.67
C LEU A 339 -3.72 0.33 -24.45
N PRO A 340 -4.95 0.05 -24.89
CA PRO A 340 -5.63 1.14 -25.59
C PRO A 340 -6.09 2.18 -24.59
N LYS A 341 -6.62 3.29 -25.10
CA LYS A 341 -7.11 4.35 -24.23
C LYS A 341 -8.53 4.11 -23.76
N ALA A 342 -8.84 4.66 -22.59
CA ALA A 342 -10.18 4.67 -22.05
C ALA A 342 -10.48 6.18 -22.19
N GLU A 343 -10.96 6.55 -23.38
CA GLU A 343 -11.25 7.94 -23.72
CA GLU A 343 -11.22 7.96 -23.70
C GLU A 343 -12.10 8.69 -22.68
N ASP A 344 -13.12 8.03 -22.16
CA ASP A 344 -13.96 8.69 -21.16
C ASP A 344 -13.19 9.00 -19.88
N VAL A 345 -12.25 8.13 -19.52
CA VAL A 345 -11.44 8.37 -18.33
C VAL A 345 -10.46 9.51 -18.58
N GLU A 346 -9.82 9.51 -19.75
CA GLU A 346 -8.86 10.56 -20.12
C GLU A 346 -9.55 11.92 -20.15
N ALA A 347 -10.73 11.95 -20.76
CA ALA A 347 -11.50 13.19 -20.86
C ALA A 347 -11.90 13.69 -19.48
N PHE A 348 -12.30 12.76 -18.61
CA PHE A 348 -12.71 13.12 -17.26
C PHE A 348 -11.56 13.71 -16.42
N LEU A 349 -10.36 13.16 -16.61
CA LEU A 349 -9.19 13.63 -15.86
C LEU A 349 -8.73 14.99 -16.34
N LYS A 350 -8.79 15.22 -17.65
CA LYS A 350 -8.39 16.51 -18.22
CA LYS A 350 -8.39 16.51 -18.22
C LYS A 350 -9.31 17.59 -17.67
N ALA A 351 -10.60 17.25 -17.54
CA ALA A 351 -11.59 18.18 -17.04
C ALA A 351 -11.42 18.44 -15.54
N GLN A 352 -11.09 17.38 -14.80
CA GLN A 352 -10.91 17.47 -13.36
C GLN A 352 -9.66 18.25 -12.98
N LEU A 353 -8.62 18.11 -13.80
CA LEU A 353 -7.34 18.72 -13.48
C LEU A 353 -6.83 19.83 -14.39
N ALA A 354 -7.65 20.27 -15.33
CA ALA A 354 -7.28 21.36 -16.24
C ALA A 354 -6.78 22.58 -15.47
N PRO A 355 -7.60 23.07 -14.52
CA PRO A 355 -7.27 24.23 -13.68
C PRO A 355 -5.94 24.09 -12.96
N HIS A 356 -5.58 22.86 -12.62
CA HIS A 356 -4.39 22.60 -11.80
C HIS A 356 -3.18 22.04 -12.53
N GLN A 357 -3.26 21.96 -13.86
CA GLN A 357 -2.19 21.46 -14.69
C GLN A 357 -0.80 22.01 -14.38
N ASP A 358 -0.69 23.33 -14.31
CA ASP A 358 0.60 24.00 -14.08
C ASP A 358 1.18 23.65 -12.72
N HIS A 359 0.31 23.62 -11.72
CA HIS A 359 0.71 23.30 -10.35
C HIS A 359 1.21 21.85 -10.28
N LEU A 360 0.37 20.94 -10.75
CA LEU A 360 0.61 19.51 -10.67
C LEU A 360 1.75 18.94 -11.49
N PHE A 361 1.92 19.42 -12.70
CA PHE A 361 2.90 18.85 -13.61
C PHE A 361 4.12 19.65 -13.99
N THR A 362 4.27 20.84 -13.42
CA THR A 362 5.47 21.62 -13.71
C THR A 362 6.62 21.00 -12.91
N PRO A 363 7.77 20.84 -13.56
CA PRO A 363 8.91 20.24 -12.85
C PRO A 363 9.36 21.15 -11.72
N LEU A 364 9.71 20.55 -10.59
CA LEU A 364 10.21 21.30 -9.45
C LEU A 364 11.72 21.17 -9.45
N ALA A 365 12.18 19.96 -9.74
CA ALA A 365 13.60 19.63 -9.79
C ALA A 365 13.78 18.37 -10.61
N VAL A 366 15.03 18.09 -10.98
CA VAL A 366 15.37 16.87 -11.71
C VAL A 366 16.18 15.96 -10.79
N SER A 367 15.80 14.68 -10.71
CA SER A 367 16.56 13.74 -9.90
C SER A 367 17.53 13.01 -10.82
N GLU A 368 18.79 12.92 -10.40
CA GLU A 368 19.80 12.26 -11.21
C GLU A 368 19.87 10.74 -10.98
N THR A 369 19.30 10.29 -9.86
CA THR A 369 19.31 8.87 -9.52
C THR A 369 17.91 8.37 -9.17
N LEU A 370 17.79 7.05 -9.05
CA LEU A 370 16.53 6.43 -8.71
C LEU A 370 16.06 6.81 -7.31
N LEU A 371 14.86 7.37 -7.20
CA LEU A 371 14.24 7.70 -5.91
C LEU A 371 13.13 6.69 -5.65
N TYR A 372 13.36 5.75 -4.73
CA TYR A 372 12.38 4.73 -4.40
C TYR A 372 11.97 4.86 -2.95
N LYS A 373 10.79 4.35 -2.61
CA LYS A 373 10.23 4.48 -1.28
C LYS A 373 10.12 3.21 -0.44
N ARG A 374 9.64 2.13 -1.07
CA ARG A 374 9.39 0.88 -0.39
CA ARG A 374 9.40 0.89 -0.37
C ARG A 374 10.64 0.10 0.06
N ASP A 375 10.61 -0.34 1.31
CA ASP A 375 11.70 -1.11 1.93
C ASP A 375 11.41 -1.26 3.41
N THR A 376 11.95 -2.31 4.02
CA THR A 376 11.75 -2.53 5.44
C THR A 376 12.40 -1.40 6.23
N LEU A 377 13.58 -0.95 5.80
CA LEU A 377 14.39 -0.02 6.60
C LEU A 377 14.83 1.31 6.05
N TYR A 378 15.11 1.37 4.75
CA TYR A 378 15.73 2.55 4.16
C TYR A 378 15.33 2.76 2.70
N SER A 379 15.23 4.02 2.28
CA SER A 379 14.94 4.31 0.87
C SER A 379 15.63 5.61 0.47
N THR A 380 15.86 5.77 -0.82
CA THR A 380 16.51 7.00 -1.28
C THR A 380 15.52 8.17 -1.24
N TRP A 381 14.24 7.90 -1.46
CA TRP A 381 13.26 8.98 -1.38
C TRP A 381 13.27 9.54 0.03
N ASP A 382 13.11 8.68 1.03
CA ASP A 382 13.07 9.13 2.41
C ASP A 382 14.35 9.85 2.81
N GLN A 383 15.47 9.46 2.23
CA GLN A 383 16.72 10.14 2.58
C GLN A 383 16.65 11.57 2.01
N LEU A 384 16.14 11.68 0.79
CA LEU A 384 15.98 12.97 0.16
C LEU A 384 15.16 13.87 1.07
N VAL A 385 14.08 13.33 1.63
CA VAL A 385 13.23 14.10 2.54
C VAL A 385 13.99 14.54 3.80
N GLY A 386 14.81 13.65 4.35
CA GLY A 386 15.60 13.99 5.52
C GLY A 386 16.56 15.12 5.20
N GLU A 387 17.20 15.02 4.03
CA GLU A 387 18.14 16.05 3.57
C GLU A 387 17.41 17.38 3.33
N ALA A 388 16.20 17.32 2.81
CA ALA A 388 15.41 18.53 2.59
C ALA A 388 15.08 19.23 3.92
N VAL A 389 14.70 18.43 4.91
CA VAL A 389 14.32 18.96 6.21
C VAL A 389 15.53 19.60 6.91
N LYS A 390 16.67 18.91 6.88
CA LYS A 390 17.88 19.40 7.53
C LYS A 390 18.43 20.66 6.87
N ALA A 391 18.22 20.75 5.56
CA ALA A 391 18.70 21.89 4.78
C ALA A 391 17.90 23.14 5.14
N ILE A 392 16.62 22.96 5.44
CA ILE A 392 15.74 24.07 5.77
C ILE A 392 15.66 24.34 7.29
N TYR A 393 15.92 23.30 8.08
CA TYR A 393 15.92 23.39 9.54
C TYR A 393 17.19 22.76 10.07
N PRO A 394 18.34 23.44 9.89
CA PRO A 394 19.72 23.02 10.24
C PRO A 394 19.92 22.61 11.68
N GLU A 395 18.99 23.00 12.55
CA GLU A 395 19.09 22.63 13.96
CA GLU A 395 19.05 22.64 13.96
C GLU A 395 18.59 21.19 14.17
N VAL A 396 17.80 20.68 13.22
CA VAL A 396 17.28 19.31 13.34
C VAL A 396 18.39 18.27 13.31
N GLU A 397 18.35 17.36 14.28
CA GLU A 397 19.37 16.32 14.37
C GLU A 397 18.93 14.96 13.85
N VAL A 398 17.65 14.67 13.97
CA VAL A 398 17.11 13.40 13.47
C VAL A 398 15.75 13.65 12.82
N VAL A 399 15.55 13.06 11.63
CA VAL A 399 14.28 13.19 10.91
C VAL A 399 13.64 11.81 10.78
N PHE A 400 12.48 11.64 11.39
CA PHE A 400 11.74 10.37 11.35
C PHE A 400 10.75 10.45 10.19
N SER A 401 10.96 9.62 9.17
CA SER A 401 10.08 9.61 8.01
C SER A 401 9.10 8.43 8.13
N PRO A 402 7.84 8.64 7.72
CA PRO A 402 6.86 7.55 7.84
C PRO A 402 7.08 6.47 6.80
N ALA A 403 7.24 5.23 7.26
CA ALA A 403 7.50 4.10 6.38
C ALA A 403 6.25 3.48 5.77
N VAL A 404 5.42 4.31 5.17
CA VAL A 404 4.22 3.82 4.48
C VAL A 404 4.65 3.06 3.21
N ARG A 405 3.77 2.20 2.70
CA ARG A 405 4.05 1.41 1.50
CA ARG A 405 4.07 1.41 1.50
C ARG A 405 3.53 2.04 0.22
N TRP A 406 2.85 3.18 0.35
CA TRP A 406 2.36 3.87 -0.83
C TRP A 406 3.39 4.91 -1.25
N GLY A 407 3.35 5.31 -2.51
CA GLY A 407 4.27 6.29 -3.04
C GLY A 407 4.48 6.09 -4.52
N THR A 408 5.65 6.52 -5.00
CA THR A 408 5.95 6.42 -6.42
C THR A 408 7.45 6.23 -6.61
N THR A 409 7.90 6.15 -7.85
CA THR A 409 9.32 5.96 -8.11
C THR A 409 9.79 6.92 -9.18
N ILE A 410 10.87 7.64 -8.90
CA ILE A 410 11.43 8.60 -9.85
C ILE A 410 12.65 7.98 -10.53
N LEU A 411 12.68 7.99 -11.85
CA LEU A 411 13.78 7.42 -12.60
C LEU A 411 14.93 8.41 -12.72
N PRO A 412 16.15 7.90 -12.93
CA PRO A 412 17.23 8.85 -13.09
C PRO A 412 16.92 9.79 -14.27
N GLY A 413 17.22 11.07 -14.10
CA GLY A 413 16.96 12.07 -15.14
C GLY A 413 15.49 12.47 -15.22
N GLN A 414 14.66 11.93 -14.36
CA GLN A 414 13.25 12.27 -14.41
C GLN A 414 12.98 13.46 -13.51
N ALA A 415 12.03 14.30 -13.91
CA ALA A 415 11.68 15.48 -13.13
C ALA A 415 10.67 15.16 -12.03
N ILE A 416 10.87 15.77 -10.87
CA ILE A 416 9.95 15.63 -9.73
C ILE A 416 8.89 16.73 -9.83
N THR A 417 7.62 16.35 -9.72
CA THR A 417 6.52 17.32 -9.79
C THR A 417 5.68 17.32 -8.51
N TRP A 418 4.79 18.30 -8.37
CA TRP A 418 3.89 18.36 -7.21
C TRP A 418 3.07 17.07 -7.14
N ASP A 419 2.60 16.58 -8.28
CA ASP A 419 1.80 15.35 -8.29
C ASP A 419 2.61 14.24 -7.63
N HIS A 420 3.92 14.24 -7.86
CA HIS A 420 4.81 13.27 -7.21
C HIS A 420 4.85 13.54 -5.72
N LEU A 421 4.98 14.80 -5.32
CA LEU A 421 5.02 15.14 -3.90
C LEU A 421 3.76 14.67 -3.17
N TYR A 422 2.61 14.79 -3.82
CA TYR A 422 1.36 14.35 -3.20
C TYR A 422 1.32 12.82 -3.17
N ALA A 423 1.93 12.18 -4.16
CA ALA A 423 1.97 10.72 -4.21
C ALA A 423 2.81 10.18 -3.05
N TYR A 424 3.82 10.96 -2.67
CA TYR A 424 4.76 10.56 -1.62
C TYR A 424 4.35 11.00 -0.23
N THR A 425 3.75 12.19 -0.13
CA THR A 425 3.43 12.76 1.18
C THR A 425 1.99 13.28 1.28
N GLY A 426 1.11 12.79 0.42
CA GLY A 426 -0.26 13.23 0.37
C GLY A 426 -1.15 12.79 1.52
N PHE A 427 -0.71 13.00 2.76
CA PHE A 427 -1.53 12.69 3.92
C PHE A 427 -2.56 13.83 4.03
N THR A 428 -3.71 13.56 4.67
CA THR A 428 -4.65 14.63 4.94
C THR A 428 -4.13 15.40 6.16
N TYR A 429 -3.14 14.82 6.85
CA TYR A 429 -2.52 15.44 8.01
C TYR A 429 -1.01 15.39 7.76
N PRO A 430 -0.54 16.19 6.80
CA PRO A 430 0.83 16.22 6.29
C PRO A 430 1.81 17.09 7.09
N GLU A 431 1.36 17.60 8.24
CA GLU A 431 2.19 18.49 9.06
CA GLU A 431 2.17 18.48 9.09
C GLU A 431 3.52 17.92 9.53
N LEU A 432 4.57 18.72 9.36
CA LEU A 432 5.90 18.34 9.82
C LEU A 432 6.03 18.95 11.22
N TYR A 433 6.39 18.14 12.21
CA TYR A 433 6.56 18.63 13.56
C TYR A 433 8.02 18.62 14.00
N LEU A 434 8.40 19.65 14.76
CA LEU A 434 9.76 19.77 15.33
C LEU A 434 9.64 19.70 16.85
N PHE A 435 10.38 18.78 17.47
CA PHE A 435 10.27 18.60 18.91
C PHE A 435 11.50 17.91 19.47
N TYR A 436 11.73 18.09 20.77
CA TYR A 436 12.85 17.44 21.42
C TYR A 436 12.49 16.05 21.93
N LEU A 437 13.42 15.12 21.77
CA LEU A 437 13.25 13.77 22.30
C LEU A 437 14.53 13.48 23.08
N ARG A 438 14.41 12.78 24.19
CA ARG A 438 15.60 12.39 24.93
C ARG A 438 16.18 11.20 24.16
N GLY A 439 17.49 11.01 24.25
CA GLY A 439 18.13 9.91 23.55
C GLY A 439 17.48 8.57 23.85
N ALA A 440 17.02 8.39 25.09
CA ALA A 440 16.38 7.12 25.47
C ALA A 440 15.06 6.89 24.72
N GLN A 441 14.37 7.97 24.37
CA GLN A 441 13.12 7.84 23.63
C GLN A 441 13.41 7.41 22.19
N ILE A 442 14.53 7.86 21.64
CA ILE A 442 14.87 7.50 20.28
C ILE A 442 15.05 5.99 20.17
N LYS A 443 15.89 5.42 21.02
CA LYS A 443 16.09 3.98 20.99
CA LYS A 443 16.11 3.98 21.01
C LYS A 443 14.77 3.25 21.23
N ALA A 444 14.02 3.68 22.24
CA ALA A 444 12.75 3.08 22.59
C ALA A 444 11.75 3.04 21.43
N VAL A 445 11.70 4.12 20.67
CA VAL A 445 10.79 4.21 19.52
C VAL A 445 11.17 3.15 18.48
N LEU A 446 12.46 3.09 18.16
CA LEU A 446 12.93 2.11 17.19
C LEU A 446 12.69 0.68 17.67
N GLU A 447 12.99 0.42 18.94
CA GLU A 447 12.81 -0.94 19.49
C GLU A 447 11.34 -1.28 19.45
N ASP A 448 10.49 -0.28 19.72
CA ASP A 448 9.05 -0.45 19.71
C ASP A 448 8.53 -0.82 18.31
N ILE A 449 8.98 -0.08 17.30
CA ILE A 449 8.58 -0.36 15.92
C ILE A 449 9.12 -1.73 15.53
N ALA A 450 10.36 -2.00 15.94
CA ALA A 450 11.01 -3.28 15.64
C ALA A 450 10.23 -4.46 16.18
N SER A 451 9.74 -4.34 17.41
CA SER A 451 8.96 -5.43 18.00
C SER A 451 7.63 -5.66 17.27
N ASN A 452 7.10 -4.62 16.65
CA ASN A 452 5.86 -4.77 15.90
C ASN A 452 6.12 -5.38 14.53
N VAL A 453 7.10 -4.84 13.83
CA VAL A 453 7.41 -5.32 12.50
C VAL A 453 7.98 -6.74 12.49
N PHE A 454 8.81 -7.05 13.48
CA PHE A 454 9.43 -8.37 13.50
C PHE A 454 8.79 -9.40 14.42
N THR A 455 7.52 -9.19 14.73
CA THR A 455 6.73 -10.14 15.50
C THR A 455 6.76 -11.45 14.71
N SER A 456 7.02 -12.56 15.39
CA SER A 456 7.06 -13.87 14.74
C SER A 456 5.65 -14.42 14.49
N ASP A 457 4.66 -13.86 15.17
CA ASP A 457 3.28 -14.29 14.99
C ASP A 457 2.47 -13.38 14.05
N PRO A 458 2.10 -13.91 12.87
CA PRO A 458 1.34 -13.31 11.76
C PRO A 458 -0.02 -12.79 12.20
N PHE A 459 -0.56 -13.36 13.28
CA PHE A 459 -1.85 -12.90 13.80
C PHE A 459 -1.72 -11.50 14.40
N TYR A 460 -0.50 -11.13 14.81
CA TYR A 460 -0.26 -9.81 15.39
C TYR A 460 0.29 -8.79 14.39
N GLN A 461 0.68 -9.27 13.20
CA GLN A 461 1.22 -8.41 12.15
C GLN A 461 0.27 -7.28 11.76
N GLN A 462 0.83 -6.08 11.62
CA GLN A 462 0.06 -4.88 11.25
C GLN A 462 0.34 -4.39 9.82
N GLY A 463 1.35 -4.98 9.18
CA GLY A 463 1.72 -4.73 7.79
C GLY A 463 2.52 -3.49 7.44
N GLY A 464 3.26 -2.97 8.41
CA GLY A 464 4.07 -1.77 8.20
C GLY A 464 5.56 -2.05 8.15
N ASP A 465 6.33 -0.99 7.93
CA ASP A 465 7.80 -1.07 7.85
C ASP A 465 8.43 -0.22 8.96
N VAL A 466 9.77 -0.13 8.98
CA VAL A 466 10.44 0.63 10.03
C VAL A 466 10.69 2.09 9.61
N SER A 467 10.22 3.01 10.45
CA SER A 467 10.40 4.44 10.20
C SER A 467 11.87 4.73 9.87
N ARG A 468 12.09 5.62 8.90
CA ARG A 468 13.45 5.96 8.48
C ARG A 468 13.92 7.18 9.26
N VAL A 469 15.03 7.04 9.96
CA VAL A 469 15.53 8.12 10.79
C VAL A 469 16.81 8.72 10.23
N PHE A 470 16.67 9.83 9.51
CA PHE A 470 17.80 10.51 8.92
C PHE A 470 18.57 11.28 9.99
N GLY A 471 19.87 11.04 10.08
CA GLY A 471 20.68 11.68 11.10
C GLY A 471 21.23 10.66 12.07
N LEU A 472 20.76 9.43 11.95
CA LEU A 472 21.27 8.37 12.81
C LEU A 472 21.60 7.08 12.07
N ARG A 473 22.34 6.22 12.75
CA ARG A 473 22.74 4.93 12.19
C ARG A 473 22.56 3.92 13.30
N TYR A 474 22.35 2.67 12.94
CA TYR A 474 22.19 1.65 13.96
C TYR A 474 22.34 0.22 13.43
N VAL A 475 22.37 -0.73 14.36
CA VAL A 475 22.50 -2.14 14.03
C VAL A 475 21.18 -2.79 14.44
N LEU A 476 20.64 -3.63 13.56
CA LEU A 476 19.37 -4.26 13.87
C LEU A 476 19.48 -5.77 13.82
N ASP A 477 18.93 -6.42 14.85
CA ASP A 477 18.89 -7.86 14.90
C ASP A 477 17.43 -8.27 15.02
N PRO A 478 16.78 -8.55 13.88
CA PRO A 478 15.36 -8.93 13.80
C PRO A 478 14.98 -10.11 14.69
N ASP A 479 15.96 -10.97 14.98
CA ASP A 479 15.71 -12.18 15.76
C ASP A 479 16.04 -12.03 17.25
N ALA A 480 16.62 -10.89 17.62
CA ALA A 480 16.95 -10.63 19.03
C ALA A 480 15.66 -10.43 19.84
N PRO A 481 15.76 -10.55 21.16
CA PRO A 481 14.56 -10.34 21.97
C PRO A 481 14.17 -8.86 22.01
N THR A 482 12.91 -8.60 22.29
CA THR A 482 12.43 -7.24 22.42
C THR A 482 13.27 -6.51 23.46
N GLY A 483 13.70 -5.30 23.11
CA GLY A 483 14.54 -4.50 23.98
C GLY A 483 15.99 -4.69 23.57
N GLU A 484 16.23 -5.71 22.75
CA GLU A 484 17.57 -6.02 22.28
C GLU A 484 17.73 -6.02 20.75
N ARG A 485 16.69 -5.64 20.02
CA ARG A 485 16.76 -5.67 18.56
C ARG A 485 17.56 -4.52 17.96
N VAL A 486 17.57 -3.39 18.66
CA VAL A 486 18.29 -2.20 18.20
C VAL A 486 19.49 -1.94 19.07
N ARG A 487 20.67 -1.90 18.47
CA ARG A 487 21.90 -1.66 19.21
C ARG A 487 22.87 -0.76 18.46
N GLU A 488 23.92 -0.33 19.16
CA GLU A 488 24.95 0.52 18.57
C GLU A 488 24.38 1.78 17.91
N VAL A 489 23.40 2.41 18.56
CA VAL A 489 22.80 3.60 17.98
C VAL A 489 23.74 4.78 18.03
N GLU A 490 23.82 5.49 16.90
CA GLU A 490 24.68 6.66 16.80
C GLU A 490 23.94 7.82 16.14
N VAL A 491 24.06 9.00 16.73
CA VAL A 491 23.45 10.18 16.19
C VAL A 491 24.53 11.20 15.86
N GLY A 492 24.61 11.61 14.60
CA GLY A 492 25.59 12.58 14.17
C GLY A 492 27.02 12.13 14.39
N GLY A 493 27.27 10.85 14.15
CA GLY A 493 28.60 10.27 14.28
C GLY A 493 29.11 10.01 15.69
N ARG A 494 28.22 10.12 16.68
CA ARG A 494 28.62 9.88 18.06
C ARG A 494 27.64 8.95 18.74
N PRO A 495 28.12 8.16 19.70
CA PRO A 495 27.23 7.22 20.41
C PRO A 495 26.01 7.94 20.94
N LEU A 496 24.87 7.26 20.89
CA LEU A 496 23.64 7.84 21.40
C LEU A 496 23.79 8.09 22.90
N ASP A 497 23.36 9.25 23.36
CA ASP A 497 23.40 9.60 24.78
C ASP A 497 21.96 9.66 25.28
N PRO A 498 21.54 8.64 26.05
CA PRO A 498 20.18 8.47 26.57
C PRO A 498 19.59 9.67 27.30
N ASN A 499 20.45 10.53 27.85
CA ASN A 499 19.99 11.67 28.63
C ASN A 499 20.04 12.99 27.87
N ARG A 500 20.65 12.98 26.70
CA ARG A 500 20.75 14.18 25.90
CA ARG A 500 20.75 14.18 25.89
C ARG A 500 19.44 14.46 25.18
N ARG A 501 19.10 15.73 25.03
CA ARG A 501 17.89 16.13 24.33
C ARG A 501 18.29 16.42 22.89
N TYR A 502 17.75 15.64 21.95
CA TYR A 502 18.03 15.83 20.53
C TYR A 502 16.82 16.47 19.87
N LEU A 503 17.04 17.42 18.97
CA LEU A 503 15.93 18.03 18.26
C LEU A 503 15.53 17.14 17.09
N ALA A 504 14.27 16.73 17.08
CA ALA A 504 13.77 15.84 16.04
C ALA A 504 12.73 16.50 15.16
N ALA A 505 12.48 15.87 14.01
CA ALA A 505 11.44 16.29 13.08
C ALA A 505 10.72 14.99 12.67
N ALA A 506 9.41 15.06 12.50
CA ALA A 506 8.63 13.89 12.13
C ALA A 506 7.31 14.30 11.48
N TYR A 507 6.89 13.54 10.48
CA TYR A 507 5.61 13.81 9.82
C TYR A 507 4.90 12.48 9.56
N GLY A 508 3.57 12.54 9.39
CA GLY A 508 2.76 11.38 9.09
C GLY A 508 2.57 10.38 10.22
N GLY A 509 2.89 10.78 11.46
CA GLY A 509 2.79 9.91 12.61
C GLY A 509 2.33 10.56 13.92
N ARG A 510 2.74 9.96 15.03
CA ARG A 510 2.34 10.42 16.37
C ARG A 510 3.52 10.68 17.30
N LEU A 511 4.73 10.51 16.79
CA LEU A 511 5.92 10.67 17.62
C LEU A 511 5.94 11.99 18.39
N GLN A 512 5.41 13.05 17.78
CA GLN A 512 5.43 14.37 18.43
C GLN A 512 4.70 14.38 19.76
N ARG A 513 3.75 13.45 19.91
CA ARG A 513 2.96 13.37 21.13
C ARG A 513 3.84 13.15 22.36
N VAL A 514 4.95 12.45 22.21
CA VAL A 514 5.83 12.22 23.35
C VAL A 514 7.02 13.18 23.40
N GLY A 515 7.01 14.19 22.53
CA GLY A 515 8.12 15.12 22.48
C GLY A 515 7.85 16.50 23.06
N GLU A 516 8.90 17.29 23.19
CA GLU A 516 8.77 18.66 23.67
C GLU A 516 8.89 19.59 22.48
N ALA A 517 7.73 20.09 22.04
CA ALA A 517 7.65 20.94 20.86
C ALA A 517 8.69 22.06 20.84
N LYS A 518 9.27 22.30 19.66
CA LYS A 518 10.26 23.36 19.52
C LYS A 518 9.58 24.72 19.64
N PRO A 519 9.95 25.50 20.67
CA PRO A 519 9.26 26.80 20.76
C PRO A 519 9.56 27.65 19.53
N GLY A 520 8.55 28.39 19.05
CA GLY A 520 8.71 29.23 17.89
C GLY A 520 8.44 28.58 16.55
N TYR A 521 8.29 27.25 16.55
CA TYR A 521 8.02 26.55 15.29
C TYR A 521 6.55 26.26 15.09
N GLU A 522 6.04 26.60 13.90
CA GLU A 522 4.64 26.35 13.57
C GLU A 522 4.56 25.18 12.58
N PRO A 523 3.92 24.07 12.97
CA PRO A 523 3.85 22.94 12.03
C PRO A 523 3.28 23.30 10.66
N ARG A 524 3.92 22.81 9.60
CA ARG A 524 3.43 23.07 8.24
C ARG A 524 3.59 21.83 7.37
N PRO A 525 2.78 21.70 6.32
CA PRO A 525 2.77 20.52 5.44
C PRO A 525 4.15 20.14 4.92
N ILE A 526 4.52 18.88 5.11
CA ILE A 526 5.81 18.38 4.63
C ILE A 526 6.05 18.73 3.16
N TYR A 527 5.00 18.69 2.34
CA TYR A 527 5.16 18.96 0.92
C TYR A 527 5.61 20.39 0.58
N GLU A 528 5.25 21.36 1.44
CA GLU A 528 5.66 22.74 1.22
CA GLU A 528 5.66 22.73 1.21
C GLU A 528 7.17 22.84 1.47
N VAL A 529 7.63 22.13 2.49
CA VAL A 529 9.04 22.12 2.84
C VAL A 529 9.82 21.48 1.69
N LEU A 530 9.28 20.40 1.13
CA LEU A 530 9.95 19.69 0.02
C LEU A 530 9.99 20.52 -1.26
N ALA A 531 8.86 21.14 -1.60
CA ALA A 531 8.81 21.95 -2.82
C ALA A 531 9.77 23.11 -2.68
N GLU A 532 9.81 23.71 -1.49
CA GLU A 532 10.69 24.84 -1.25
C GLU A 532 12.13 24.41 -1.47
N TYR A 533 12.50 23.27 -0.91
CA TYR A 533 13.86 22.76 -1.05
C TYR A 533 14.20 22.44 -2.51
N LEU A 534 13.34 21.65 -3.15
CA LEU A 534 13.56 21.22 -4.53
C LEU A 534 13.69 22.37 -5.53
N ARG A 535 12.76 23.33 -5.45
CA ARG A 535 12.82 24.48 -6.36
C ARG A 535 14.17 25.18 -6.25
N SER A 536 14.69 25.27 -5.03
CA SER A 536 15.95 25.93 -4.76
C SER A 536 17.20 25.24 -5.31
N VAL A 537 17.31 23.94 -5.04
CA VAL A 537 18.48 23.18 -5.49
C VAL A 537 18.44 22.81 -6.96
N GLY A 538 17.24 22.70 -7.53
CA GLY A 538 17.06 22.42 -8.95
C GLY A 538 17.35 20.98 -9.38
N ARG A 539 18.38 20.38 -8.79
CA ARG A 539 18.74 19.00 -9.11
C ARG A 539 19.14 18.28 -7.83
N VAL A 540 18.82 17.00 -7.77
CA VAL A 540 19.18 16.18 -6.63
C VAL A 540 19.88 14.91 -7.11
N ARG A 541 20.72 14.35 -6.27
CA ARG A 541 21.44 13.12 -6.60
CA ARG A 541 21.45 13.12 -6.59
C ARG A 541 21.72 12.32 -5.32
N VAL A 542 20.67 11.73 -4.78
CA VAL A 542 20.75 10.93 -3.56
C VAL A 542 21.26 9.55 -3.92
N ARG A 543 22.36 9.15 -3.29
CA ARG A 543 22.95 7.84 -3.56
C ARG A 543 22.59 6.92 -2.40
N PRO A 544 22.33 5.65 -2.71
CA PRO A 544 21.92 4.80 -1.58
C PRO A 544 23.01 4.56 -0.54
N GLU A 545 22.78 5.04 0.67
CA GLU A 545 23.72 4.84 1.78
C GLU A 545 22.94 4.44 3.03
N PRO A 546 22.53 3.17 3.10
CA PRO A 546 21.75 2.64 4.22
C PRO A 546 22.44 2.93 5.55
N ASN A 547 21.65 3.41 6.50
CA ASN A 547 22.19 3.79 7.80
C ASN A 547 21.94 2.68 8.79
N VAL A 548 21.65 1.48 8.29
CA VAL A 548 21.38 0.35 9.16
CA VAL A 548 21.37 0.35 9.15
C VAL A 548 22.18 -0.88 8.75
N LYS A 549 22.57 -1.65 9.75
CA LYS A 549 23.31 -2.90 9.54
CA LYS A 549 23.29 -2.89 9.53
C LYS A 549 22.38 -3.99 10.09
N VAL A 550 22.02 -4.94 9.24
CA VAL A 550 21.13 -6.01 9.64
C VAL A 550 21.87 -7.31 9.98
N ILE A 551 21.75 -7.74 11.23
CA ILE A 551 22.38 -8.97 11.67
C ILE A 551 21.62 -10.16 11.13
N GLY A 552 22.36 -11.11 10.55
CA GLY A 552 21.78 -12.35 10.06
C GLY A 552 21.10 -12.25 8.71
N ARG A 553 21.20 -11.08 8.06
CA ARG A 553 20.58 -10.86 6.75
C ARG A 553 21.52 -10.15 5.79
N ASN A 554 21.34 -10.40 4.51
CA ASN A 554 22.04 -9.67 3.46
C ASN A 554 21.15 -8.48 3.07
N TYR A 555 21.54 -7.27 3.46
CA TYR A 555 20.74 -6.10 3.12
C TYR A 555 20.99 -5.68 1.67
N ARG A 556 19.95 -5.72 0.85
CA ARG A 556 20.08 -5.43 -0.57
C ARG A 556 19.75 -4.01 -1.03
N LEU A 557 20.40 -3.60 -2.12
CA LEU A 557 20.14 -2.32 -2.75
C LEU A 557 19.90 -2.52 -4.24
N PRO A 558 19.13 -1.62 -4.86
CA PRO A 558 18.87 -1.69 -6.30
C PRO A 558 19.95 -0.94 -7.04
N GLU A 559 19.89 -0.97 -8.37
CA GLU A 559 20.83 -0.22 -9.20
C GLU A 559 20.13 1.12 -9.41
N VAL A 560 20.77 2.21 -9.00
CA VAL A 560 20.14 3.53 -9.04
C VAL A 560 20.44 4.41 -10.23
N THR A 561 21.20 3.88 -11.18
CA THR A 561 21.54 4.62 -12.39
C THR A 561 20.96 3.90 -13.61
N GLY A 562 21.05 4.54 -14.78
CA GLY A 562 20.56 3.99 -16.03
C GLY A 562 19.35 4.71 -16.61
O TBU B . 5.41 -7.79 -24.11
C TBU B . 4.77 -6.53 -24.30
C1 TBU B . 3.66 -6.69 -25.35
C2 TBU B . 4.16 -6.03 -22.97
C3 TBU B . 5.80 -5.53 -24.81
MN MN C . -2.30 0.70 0.98
MN MN D . -3.85 -0.10 3.84
#